data_4F5Z
#
_entry.id   4F5Z
#
_cell.length_a   42.663
_cell.length_b   44.489
_cell.length_c   46.389
_cell.angle_alpha   115.28
_cell.angle_beta   98.61
_cell.angle_gamma   109.55
#
_symmetry.space_group_name_H-M   'P 1'
#
loop_
_entity.id
_entity.type
_entity.pdbx_description
1 polymer 'Haloalkane dehalogenase'
2 non-polymer 'CHLORIDE ION'
3 non-polymer 'BENZOIC ACID'
4 water water
#
_entity_poly.entity_id   1
_entity_poly.type   'polypeptide(L)'
_entity_poly.pdbx_seq_one_letter_code
;MSEIGTGFPFDPHYVEVLGERMHYVDVGPRDGTPVLFLHGNPTSSYLWRNIIPHVAPSHRCIAPDLIGMGKSDKPDLDYF
FDDHVRYLDAFIEAVGLEEVVLVIHDWGSALGFHWAKRNPERVKGIACMEFIRPIPTWDEWPEFARETFQAFRTADVGRE
LIIDQNAFIEGVLPKCVVRPLTEVEMDHYREPFLKPVDREPLWRFPNELPIAGEPANIVALVEAYMNWLHQSPVPKLLFW
GTPGVLIPPAEAARLAESLPNCKTVDIGPGLHYLQEDNPDLIGSEIARWLPALHHHHHH
;
_entity_poly.pdbx_strand_id   A
#
loop_
_chem_comp.id
_chem_comp.type
_chem_comp.name
_chem_comp.formula
BEZ non-polymer 'BENZOIC ACID' 'C7 H6 O2'
CL non-polymer 'CHLORIDE ION' 'Cl -1'
#
# COMPACT_ATOMS: atom_id res chain seq x y z
N ILE A 4 -20.52 4.44 -0.77
CA ILE A 4 -19.06 4.69 -0.52
C ILE A 4 -18.70 6.08 -0.98
N GLY A 5 -18.03 6.85 -0.13
CA GLY A 5 -17.75 8.25 -0.46
C GLY A 5 -16.76 8.40 -1.60
N THR A 6 -16.98 9.43 -2.43
CA THR A 6 -16.08 9.70 -3.54
C THR A 6 -15.21 10.95 -3.35
N GLY A 7 -15.51 11.73 -2.31
CA GLY A 7 -14.78 12.96 -2.07
C GLY A 7 -13.47 12.72 -1.32
N PHE A 8 -12.66 13.77 -1.31
CA PHE A 8 -11.38 13.73 -0.62
C PHE A 8 -11.26 14.98 0.23
N PRO A 9 -11.97 14.99 1.38
CA PRO A 9 -12.07 16.20 2.18
C PRO A 9 -10.91 16.34 3.19
N PHE A 10 -9.67 16.37 2.67
CA PHE A 10 -8.48 16.48 3.51
C PHE A 10 -7.65 17.61 3.00
N ASP A 11 -7.26 18.51 3.91
CA ASP A 11 -6.41 19.63 3.52
C ASP A 11 -5.03 19.10 3.14
N PRO A 12 -4.37 19.70 2.15
CA PRO A 12 -3.03 19.25 1.78
C PRO A 12 -1.96 19.67 2.78
N HIS A 13 -1.02 18.76 3.04
CA HIS A 13 0.21 19.10 3.75
C HIS A 13 1.36 18.66 2.90
N TYR A 14 2.48 19.36 3.01
CA TYR A 14 3.66 19.11 2.20
CA TYR A 14 3.64 19.02 2.21
C TYR A 14 4.91 19.10 3.04
N VAL A 15 5.87 18.24 2.69
CA VAL A 15 7.17 18.33 3.25
CA VAL A 15 7.22 18.32 3.25
C VAL A 15 8.18 18.21 2.10
N GLU A 16 9.31 18.90 2.22
CA GLU A 16 10.39 18.85 1.22
CA GLU A 16 10.36 18.85 1.23
C GLU A 16 11.38 17.81 1.68
N VAL A 17 11.56 16.76 0.87
CA VAL A 17 12.46 15.66 1.19
CA VAL A 17 12.58 15.77 1.21
C VAL A 17 13.29 15.33 -0.05
N LEU A 18 14.59 15.21 0.08
CA LEU A 18 15.45 14.76 -1.00
C LEU A 18 15.12 15.56 -2.27
N GLY A 19 14.99 16.88 -2.12
CA GLY A 19 14.81 17.78 -3.26
C GLY A 19 13.42 17.87 -3.85
N GLU A 20 12.45 17.20 -3.24
CA GLU A 20 11.12 17.06 -3.85
C GLU A 20 10.04 17.23 -2.79
N ARG A 21 8.89 17.71 -3.20
CA ARG A 21 7.78 17.85 -2.27
C ARG A 21 6.93 16.60 -2.25
N MET A 22 6.63 16.11 -1.05
CA MET A 22 5.65 15.04 -0.87
C MET A 22 4.39 15.57 -0.18
N HIS A 23 3.25 15.17 -0.71
CA HIS A 23 1.96 15.51 -0.15
C HIS A 23 1.51 14.43 0.85
N TYR A 24 0.80 14.86 1.89
CA TYR A 24 0.24 13.94 2.85
C TYR A 24 -1.00 14.47 3.53
N VAL A 25 -1.90 13.55 3.85
CA VAL A 25 -2.97 13.80 4.82
C VAL A 25 -2.41 13.81 6.23
N ASP A 26 -2.89 14.74 7.07
CA ASP A 26 -2.51 14.76 8.48
C ASP A 26 -3.70 15.30 9.24
N VAL A 27 -4.42 14.41 9.91
CA VAL A 27 -5.58 14.77 10.70
C VAL A 27 -5.51 14.10 12.05
N GLY A 28 -6.30 14.58 13.01
CA GLY A 28 -6.34 13.93 14.31
C GLY A 28 -5.41 14.52 15.34
N PRO A 29 -5.54 14.05 16.59
CA PRO A 29 -4.74 14.58 17.70
C PRO A 29 -3.25 14.35 17.57
N ARG A 30 -2.44 15.24 18.16
CA ARG A 30 -0.97 15.16 18.04
C ARG A 30 -0.26 14.53 19.22
N ASP A 31 -1.00 14.09 20.22
CA ASP A 31 -0.37 13.69 21.49
C ASP A 31 -0.35 12.20 21.78
N GLY A 32 -0.48 11.40 20.75
CA GLY A 32 -0.53 9.96 20.88
C GLY A 32 0.31 9.27 19.82
N THR A 33 -0.02 8.02 19.54
CA THR A 33 0.73 7.23 18.54
C THR A 33 0.02 7.40 17.18
N PRO A 34 0.68 8.03 16.19
N PRO A 34 0.75 7.91 16.17
CA PRO A 34 0.02 8.17 14.90
CA PRO A 34 0.16 8.14 14.85
C PRO A 34 -0.07 6.87 14.11
C PRO A 34 -0.09 6.82 14.13
N VAL A 35 -1.06 6.86 13.22
CA VAL A 35 -1.35 5.71 12.34
C VAL A 35 -0.94 6.16 10.95
N LEU A 36 0.00 5.43 10.36
CA LEU A 36 0.60 5.78 9.09
C LEU A 36 0.05 4.82 8.03
N PHE A 37 -0.63 5.42 7.04
CA PHE A 37 -1.34 4.67 6.00
C PHE A 37 -0.48 4.72 4.73
N LEU A 38 -0.15 3.56 4.15
CA LEU A 38 0.74 3.49 2.98
C LEU A 38 0.03 2.77 1.85
N HIS A 39 -0.25 3.54 0.80
CA HIS A 39 -0.88 3.01 -0.43
C HIS A 39 0.17 2.32 -1.32
N GLY A 40 -0.31 1.68 -2.38
CA GLY A 40 0.56 1.03 -3.36
C GLY A 40 0.23 1.47 -4.78
N ASN A 41 0.33 0.53 -5.71
CA ASN A 41 0.24 0.84 -7.14
C ASN A 41 -1.16 0.54 -7.65
N PRO A 42 -1.80 1.45 -8.43
CA PRO A 42 -1.40 2.78 -8.89
C PRO A 42 -2.17 3.86 -8.15
N THR A 43 -2.22 3.76 -6.83
CA THR A 43 -3.16 4.54 -6.02
C THR A 43 -2.43 5.71 -5.33
N SER A 44 -3.05 6.24 -4.29
CA SER A 44 -2.52 7.39 -3.54
C SER A 44 -3.24 7.38 -2.21
N SER A 45 -3.04 8.43 -1.41
CA SER A 45 -3.83 8.59 -0.19
C SER A 45 -5.34 8.57 -0.43
N TYR A 46 -5.78 8.85 -1.66
CA TYR A 46 -7.20 8.75 -2.00
C TYR A 46 -7.79 7.37 -1.64
N LEU A 47 -6.97 6.33 -1.74
CA LEU A 47 -7.40 4.97 -1.39
C LEU A 47 -7.88 4.82 0.04
N TRP A 48 -7.36 5.67 0.92
CA TRP A 48 -7.64 5.58 2.34
C TRP A 48 -8.76 6.53 2.78
N ARG A 49 -9.35 7.26 1.82
CA ARG A 49 -10.27 8.37 2.14
C ARG A 49 -11.46 7.98 3.02
N ASN A 50 -11.97 6.75 2.88
CA ASN A 50 -13.17 6.32 3.63
C ASN A 50 -12.81 5.50 4.85
N ILE A 51 -11.52 5.22 5.01
CA ILE A 51 -11.01 4.49 6.15
C ILE A 51 -10.52 5.43 7.26
N ILE A 52 -9.77 6.46 6.86
CA ILE A 52 -9.24 7.47 7.78
C ILE A 52 -10.34 8.03 8.75
N PRO A 53 -11.55 8.33 8.25
CA PRO A 53 -12.54 8.95 9.18
C PRO A 53 -12.94 8.07 10.36
N HIS A 54 -12.75 6.75 10.26
CA HIS A 54 -13.00 5.87 11.40
C HIS A 54 -11.93 5.97 12.46
N VAL A 55 -10.70 6.33 12.06
CA VAL A 55 -9.53 6.31 12.93
C VAL A 55 -9.21 7.69 13.51
N ALA A 56 -9.33 8.73 12.69
CA ALA A 56 -9.09 10.11 13.08
C ALA A 56 -9.71 10.53 14.42
N PRO A 57 -10.90 10.04 14.79
CA PRO A 57 -11.44 10.47 16.09
C PRO A 57 -10.54 10.16 17.27
N SER A 58 -9.76 9.08 17.20
CA SER A 58 -8.96 8.64 18.34
C SER A 58 -7.45 8.79 18.11
N HIS A 59 -7.00 8.85 16.86
CA HIS A 59 -5.56 8.81 16.56
C HIS A 59 -5.24 9.72 15.40
N ARG A 60 -4.07 10.30 15.44
CA ARG A 60 -3.53 11.00 14.29
C ARG A 60 -3.45 10.03 13.11
N CYS A 61 -3.81 10.52 11.93
CA CYS A 61 -3.72 9.75 10.68
C CYS A 61 -2.81 10.50 9.73
N ILE A 62 -1.76 9.83 9.28
CA ILE A 62 -0.85 10.39 8.31
CA ILE A 62 -0.78 10.36 8.32
C ILE A 62 -0.87 9.47 7.10
N ALA A 63 -1.15 10.05 5.93
CA ALA A 63 -1.24 9.26 4.70
C ALA A 63 -0.49 9.96 3.58
N PRO A 64 0.78 9.57 3.35
CA PRO A 64 1.55 10.21 2.28
C PRO A 64 1.17 9.68 0.91
N ASP A 65 1.38 10.52 -0.10
CA ASP A 65 1.43 10.06 -1.48
C ASP A 65 2.89 9.73 -1.78
N LEU A 66 3.17 8.50 -2.18
CA LEU A 66 4.53 8.10 -2.50
C LEU A 66 5.11 9.04 -3.56
N ILE A 67 6.43 9.16 -3.54
CA ILE A 67 7.09 9.98 -4.55
C ILE A 67 6.66 9.54 -5.95
N GLY A 68 6.42 10.49 -6.85
CA GLY A 68 5.94 10.17 -8.18
C GLY A 68 4.46 9.87 -8.30
N MET A 69 3.70 10.01 -7.21
CA MET A 69 2.32 9.55 -7.18
C MET A 69 1.45 10.59 -6.49
N GLY A 70 0.13 10.45 -6.67
CA GLY A 70 -0.77 11.37 -5.99
C GLY A 70 -0.45 12.82 -6.28
N LYS A 71 -0.45 13.63 -5.21
CA LYS A 71 -0.12 15.05 -5.29
C LYS A 71 1.34 15.32 -5.00
N SER A 72 2.15 14.28 -4.80
CA SER A 72 3.59 14.45 -4.63
C SER A 72 4.28 14.83 -5.94
N ASP A 73 5.47 15.40 -5.83
CA ASP A 73 6.24 15.77 -7.03
C ASP A 73 6.59 14.52 -7.83
N LYS A 74 6.95 14.74 -9.09
CA LYS A 74 7.18 13.64 -10.02
C LYS A 74 8.50 13.82 -10.73
N PRO A 75 9.61 13.70 -9.98
CA PRO A 75 10.94 13.77 -10.57
C PRO A 75 11.13 12.64 -11.57
N ASP A 76 12.10 12.81 -12.46
CA ASP A 76 12.39 11.80 -13.45
C ASP A 76 13.31 10.78 -12.81
N LEU A 77 12.71 9.82 -12.11
CA LEU A 77 13.44 8.73 -11.45
C LEU A 77 13.18 7.44 -12.16
N ASP A 78 13.99 6.44 -11.86
CA ASP A 78 13.62 5.11 -12.24
C ASP A 78 12.44 4.57 -11.40
N TYR A 79 12.26 5.08 -10.17
CA TYR A 79 11.19 4.62 -9.30
C TYR A 79 11.33 3.14 -8.93
N PHE A 80 12.58 2.69 -8.79
CA PHE A 80 12.80 1.42 -8.12
C PHE A 80 12.24 1.43 -6.71
N PHE A 81 12.02 0.24 -6.16
CA PHE A 81 11.67 0.16 -4.76
C PHE A 81 12.65 0.94 -3.91
N ASP A 82 13.95 0.83 -4.20
CA ASP A 82 14.94 1.54 -3.42
CA ASP A 82 14.96 1.52 -3.40
C ASP A 82 14.71 3.06 -3.41
N ASP A 83 14.24 3.62 -4.54
CA ASP A 83 13.90 5.07 -4.56
C ASP A 83 12.77 5.35 -3.59
N HIS A 84 11.73 4.53 -3.62
CA HIS A 84 10.62 4.70 -2.68
C HIS A 84 11.06 4.59 -1.24
N VAL A 85 11.96 3.64 -0.96
CA VAL A 85 12.50 3.50 0.41
C VAL A 85 13.16 4.78 0.87
N ARG A 86 14.01 5.37 0.03
CA ARG A 86 14.71 6.61 0.40
C ARG A 86 13.72 7.72 0.68
N TYR A 87 12.73 7.89 -0.20
CA TYR A 87 11.78 8.99 -0.04
C TYR A 87 10.90 8.75 1.17
N LEU A 88 10.41 7.52 1.38
CA LEU A 88 9.51 7.31 2.52
C LEU A 88 10.29 7.39 3.84
N ASP A 89 11.53 6.87 3.88
CA ASP A 89 12.32 7.00 5.11
C ASP A 89 12.45 8.49 5.48
N ALA A 90 12.78 9.32 4.48
CA ALA A 90 12.98 10.75 4.71
C ALA A 90 11.66 11.43 5.10
N PHE A 91 10.57 11.03 4.46
CA PHE A 91 9.25 11.55 4.82
C PHE A 91 8.95 11.33 6.30
N ILE A 92 9.16 10.09 6.75
CA ILE A 92 8.79 9.72 8.11
C ILE A 92 9.58 10.58 9.12
N GLU A 93 10.87 10.75 8.85
CA GLU A 93 11.66 11.60 9.74
C GLU A 93 11.26 13.08 9.65
N ALA A 94 10.93 13.56 8.45
CA ALA A 94 10.57 14.96 8.29
C ALA A 94 9.29 15.35 8.99
N VAL A 95 8.34 14.43 9.09
CA VAL A 95 7.13 14.74 9.86
CA VAL A 95 7.10 14.65 9.83
C VAL A 95 7.32 14.41 11.35
N GLY A 96 8.47 13.86 11.70
CA GLY A 96 8.86 13.68 13.12
C GLY A 96 8.25 12.50 13.81
N LEU A 97 7.88 11.49 13.04
CA LEU A 97 7.26 10.33 13.67
C LEU A 97 8.29 9.53 14.45
N GLU A 98 7.87 9.03 15.60
CA GLU A 98 8.71 8.21 16.45
C GLU A 98 8.09 6.82 16.44
N GLU A 99 7.18 6.52 17.35
CA GLU A 99 6.46 5.23 17.29
C GLU A 99 5.25 5.42 16.40
N VAL A 100 4.84 4.34 15.71
CA VAL A 100 3.70 4.41 14.78
CA VAL A 100 3.76 4.40 14.75
C VAL A 100 2.97 3.09 14.78
N VAL A 101 1.73 3.14 14.31
CA VAL A 101 0.98 1.97 13.88
C VAL A 101 0.91 2.05 12.37
N LEU A 102 1.19 0.93 11.69
CA LEU A 102 1.15 0.92 10.21
C LEU A 102 -0.16 0.38 9.70
N VAL A 103 -0.66 0.93 8.61
CA VAL A 103 -1.81 0.41 7.87
C VAL A 103 -1.39 0.37 6.42
N ILE A 104 -1.25 -0.83 5.86
CA ILE A 104 -0.46 -0.98 4.63
C ILE A 104 -1.08 -1.95 3.62
N HIS A 105 -0.77 -1.71 2.35
CA HIS A 105 -1.36 -2.43 1.23
C HIS A 105 -0.34 -2.47 0.07
N ASP A 106 -0.21 -3.62 -0.62
CA ASP A 106 0.54 -3.68 -1.89
C ASP A 106 1.96 -3.12 -1.71
N TRP A 107 2.43 -2.20 -2.54
CA TRP A 107 3.80 -1.68 -2.37
C TRP A 107 3.94 -0.88 -1.08
N GLY A 108 2.85 -0.30 -0.57
CA GLY A 108 2.90 0.31 0.75
C GLY A 108 3.19 -0.72 1.84
N SER A 109 2.75 -1.97 1.64
CA SER A 109 3.11 -3.03 2.58
C SER A 109 4.57 -3.46 2.44
N ALA A 110 5.14 -3.52 1.23
CA ALA A 110 6.59 -3.80 1.14
C ALA A 110 7.37 -2.68 1.84
N LEU A 111 6.96 -1.43 1.63
CA LEU A 111 7.63 -0.32 2.29
C LEU A 111 7.43 -0.38 3.80
N GLY A 112 6.21 -0.67 4.25
CA GLY A 112 5.91 -0.70 5.68
C GLY A 112 6.63 -1.83 6.39
N PHE A 113 6.58 -3.05 5.82
CA PHE A 113 7.25 -4.20 6.47
C PHE A 113 8.77 -4.02 6.45
N HIS A 114 9.31 -3.43 5.39
CA HIS A 114 10.76 -3.21 5.32
C HIS A 114 11.17 -2.16 6.36
N TRP A 115 10.36 -1.14 6.54
CA TRP A 115 10.66 -0.13 7.55
C TRP A 115 10.52 -0.75 8.95
N ALA A 116 9.48 -1.57 9.15
CA ALA A 116 9.29 -2.21 10.47
C ALA A 116 10.46 -3.14 10.83
N LYS A 117 10.91 -3.92 9.86
CA LYS A 117 12.04 -4.83 10.10
C LYS A 117 13.27 -4.02 10.55
N ARG A 118 13.47 -2.86 9.94
CA ARG A 118 14.63 -2.01 10.26
C ARG A 118 14.43 -1.17 11.52
N ASN A 119 13.19 -0.98 11.94
CA ASN A 119 12.85 -0.11 13.07
C ASN A 119 11.82 -0.79 13.97
N PRO A 120 12.09 -2.02 14.41
CA PRO A 120 11.04 -2.81 15.06
C PRO A 120 10.50 -2.17 16.34
N GLU A 121 11.37 -1.45 17.06
CA GLU A 121 11.00 -0.82 18.32
CA GLU A 121 10.91 -0.87 18.33
C GLU A 121 10.00 0.33 18.13
N ARG A 122 9.86 0.79 16.88
CA ARG A 122 9.01 1.91 16.59
C ARG A 122 7.66 1.49 16.06
N VAL A 123 7.43 0.21 15.85
CA VAL A 123 6.17 -0.22 15.27
C VAL A 123 5.32 -0.89 16.34
N LYS A 124 4.16 -0.28 16.65
CA LYS A 124 3.29 -0.78 17.72
C LYS A 124 2.17 -1.70 17.24
N GLY A 125 1.97 -1.78 15.93
CA GLY A 125 0.96 -2.66 15.37
C GLY A 125 1.03 -2.54 13.88
N ILE A 126 0.57 -3.60 13.19
CA ILE A 126 0.49 -3.55 11.73
C ILE A 126 -0.85 -4.10 11.26
N ALA A 127 -1.63 -3.21 10.63
CA ALA A 127 -2.83 -3.63 9.91
C ALA A 127 -2.44 -3.74 8.45
N CYS A 128 -2.77 -4.87 7.84
CA CYS A 128 -2.35 -5.13 6.47
C CYS A 128 -3.43 -5.84 5.68
N MET A 129 -3.27 -5.81 4.37
CA MET A 129 -4.27 -6.38 3.48
C MET A 129 -3.62 -6.51 2.14
N GLU A 130 -3.84 -7.62 1.43
CA GLU A 130 -3.38 -7.73 0.03
C GLU A 130 -1.95 -7.22 -0.09
N PHE A 131 -1.09 -7.85 0.71
CA PHE A 131 0.30 -7.43 0.90
C PHE A 131 1.25 -8.25 0.05
N ILE A 132 2.46 -7.72 -0.09
CA ILE A 132 3.48 -8.34 -0.94
C ILE A 132 4.35 -9.28 -0.11
N ARG A 133 4.38 -10.53 -0.57
CA ARG A 133 5.32 -11.53 -0.10
C ARG A 133 5.91 -12.21 -1.36
N PRO A 134 6.93 -13.06 -1.21
CA PRO A 134 7.46 -13.63 -2.46
C PRO A 134 6.40 -14.50 -3.15
N ILE A 135 6.38 -14.45 -4.47
CA ILE A 135 5.53 -15.31 -5.29
CA ILE A 135 5.52 -15.32 -5.25
C ILE A 135 6.52 -16.22 -5.99
N PRO A 136 6.85 -17.39 -5.41
CA PRO A 136 8.06 -18.08 -5.88
C PRO A 136 8.08 -18.57 -7.29
N THR A 137 6.91 -18.86 -7.86
CA THR A 137 6.80 -19.29 -9.27
C THR A 137 5.56 -18.61 -9.85
N TRP A 138 5.51 -18.53 -11.18
CA TRP A 138 4.36 -17.94 -11.83
C TRP A 138 3.09 -18.69 -11.55
N ASP A 139 3.17 -19.99 -11.26
CA ASP A 139 1.96 -20.74 -10.94
C ASP A 139 1.29 -20.25 -9.64
N GLU A 140 2.07 -19.63 -8.77
CA GLU A 140 1.56 -19.09 -7.52
C GLU A 140 1.02 -17.66 -7.62
N TRP A 141 1.10 -17.07 -8.83
CA TRP A 141 0.44 -15.80 -9.15
C TRP A 141 -0.97 -16.15 -9.63
N PRO A 142 -2.00 -15.32 -9.34
CA PRO A 142 -3.36 -15.68 -9.77
C PRO A 142 -3.48 -15.88 -11.27
N GLU A 143 -4.10 -16.99 -11.67
CA GLU A 143 -4.21 -17.34 -13.08
CA GLU A 143 -4.28 -17.37 -13.06
C GLU A 143 -4.81 -16.20 -13.90
N PHE A 144 -5.86 -15.54 -13.40
CA PHE A 144 -6.56 -14.51 -14.20
C PHE A 144 -5.63 -13.36 -14.58
N ALA A 145 -4.54 -13.21 -13.83
CA ALA A 145 -3.66 -12.05 -13.95
C ALA A 145 -2.27 -12.40 -14.46
N ARG A 146 -2.05 -13.66 -14.84
CA ARG A 146 -0.73 -14.14 -15.17
C ARG A 146 -0.22 -13.55 -16.49
N GLU A 147 -0.99 -13.70 -17.55
CA GLU A 147 -0.67 -13.14 -18.86
CA GLU A 147 -0.56 -13.16 -18.83
C GLU A 147 -0.40 -11.63 -18.75
N THR A 148 -1.29 -10.96 -18.03
CA THR A 148 -1.25 -9.52 -17.88
C THR A 148 0.07 -9.07 -17.25
N PHE A 149 0.44 -9.71 -16.14
CA PHE A 149 1.63 -9.26 -15.42
C PHE A 149 2.89 -9.73 -16.10
N GLN A 150 2.85 -10.87 -16.78
CA GLN A 150 3.99 -11.29 -17.60
C GLN A 150 4.28 -10.27 -18.70
N ALA A 151 3.24 -9.74 -19.30
CA ALA A 151 3.41 -8.72 -20.34
C ALA A 151 3.87 -7.39 -19.74
N PHE A 152 3.37 -7.03 -18.55
CA PHE A 152 3.84 -5.80 -17.90
C PHE A 152 5.32 -5.83 -17.67
N ARG A 153 5.86 -7.01 -17.43
CA ARG A 153 7.26 -7.20 -17.01
C ARG A 153 8.16 -7.36 -18.21
N THR A 154 7.97 -6.44 -19.16
CA THR A 154 8.79 -6.36 -20.36
C THR A 154 9.07 -4.88 -20.66
N ALA A 155 10.17 -4.67 -21.38
CA ALA A 155 10.65 -3.33 -21.71
C ALA A 155 9.90 -2.78 -22.88
N ASP A 156 9.26 -3.63 -23.68
CA ASP A 156 8.53 -3.14 -24.84
C ASP A 156 7.03 -3.12 -24.57
N VAL A 157 6.41 -4.31 -24.55
CA VAL A 157 4.98 -4.40 -24.38
C VAL A 157 4.54 -3.78 -23.04
N GLY A 158 5.32 -3.97 -21.96
CA GLY A 158 4.86 -3.46 -20.66
C GLY A 158 4.79 -1.94 -20.65
N ARG A 159 5.79 -1.30 -21.25
CA ARG A 159 5.80 0.17 -21.35
C ARG A 159 4.68 0.68 -22.26
N GLU A 160 4.46 -0.02 -23.37
CA GLU A 160 3.33 0.28 -24.25
C GLU A 160 2.02 0.27 -23.46
N LEU A 161 1.77 -0.82 -22.74
CA LEU A 161 0.48 -0.96 -22.07
C LEU A 161 0.32 0.01 -20.92
N ILE A 162 1.34 0.11 -20.07
CA ILE A 162 1.18 0.87 -18.82
C ILE A 162 1.40 2.36 -19.03
N ILE A 163 2.45 2.73 -19.76
CA ILE A 163 2.79 4.14 -19.93
CA ILE A 163 2.78 4.15 -19.91
C ILE A 163 2.02 4.75 -21.09
N ASP A 164 2.10 4.10 -22.24
CA ASP A 164 1.53 4.72 -23.43
C ASP A 164 0.00 4.60 -23.40
N GLN A 165 -0.56 3.52 -22.85
CA GLN A 165 -2.01 3.25 -22.85
C GLN A 165 -2.73 3.32 -21.48
N ASN A 166 -2.00 3.56 -20.42
CA ASN A 166 -2.55 3.69 -19.07
C ASN A 166 -3.28 2.45 -18.52
N ALA A 167 -2.79 1.27 -18.87
CA ALA A 167 -3.46 0.03 -18.50
C ALA A 167 -3.57 -0.20 -17.01
N PHE A 168 -2.66 0.35 -16.19
CA PHE A 168 -2.75 0.06 -14.77
C PHE A 168 -3.93 0.82 -14.14
N ILE A 169 -4.17 2.04 -14.62
CA ILE A 169 -5.26 2.88 -14.13
C ILE A 169 -6.60 2.45 -14.75
N GLU A 170 -6.63 2.27 -16.06
CA GLU A 170 -7.90 2.04 -16.76
C GLU A 170 -8.30 0.56 -16.71
N GLY A 171 -7.32 -0.33 -16.50
CA GLY A 171 -7.55 -1.79 -16.57
C GLY A 171 -7.44 -2.45 -15.21
N VAL A 172 -6.23 -2.51 -14.68
CA VAL A 172 -6.00 -3.31 -13.47
C VAL A 172 -6.80 -2.81 -12.27
N LEU A 173 -6.78 -1.49 -12.08
CA LEU A 173 -7.43 -0.89 -10.91
C LEU A 173 -8.94 -1.28 -10.83
N PRO A 174 -9.74 -0.91 -11.84
CA PRO A 174 -11.15 -1.30 -11.73
C PRO A 174 -11.41 -2.79 -11.79
N LYS A 175 -10.57 -3.55 -12.49
CA LYS A 175 -10.74 -4.99 -12.52
C LYS A 175 -10.48 -5.66 -11.18
N CYS A 176 -9.80 -4.96 -10.28
CA CYS A 176 -9.47 -5.53 -8.98
C CYS A 176 -10.25 -4.91 -7.83
N VAL A 177 -11.41 -4.37 -8.18
CA VAL A 177 -12.46 -3.97 -7.20
C VAL A 177 -13.71 -4.72 -7.63
N VAL A 178 -14.42 -5.35 -6.70
CA VAL A 178 -15.61 -6.12 -7.07
C VAL A 178 -16.72 -5.20 -7.52
N ARG A 179 -17.04 -4.20 -6.72
CA ARG A 179 -18.06 -3.24 -7.10
C ARG A 179 -17.49 -2.31 -8.19
N PRO A 180 -18.37 -1.67 -8.98
N PRO A 180 -18.36 -1.77 -9.06
CA PRO A 180 -17.82 -0.86 -10.07
CA PRO A 180 -17.90 -0.78 -10.05
C PRO A 180 -17.41 0.53 -9.59
C PRO A 180 -17.35 0.48 -9.40
N LEU A 181 -16.15 0.90 -9.82
CA LEU A 181 -15.66 2.25 -9.51
C LEU A 181 -16.43 3.25 -10.35
N THR A 182 -16.78 4.38 -9.76
CA THR A 182 -17.50 5.39 -10.52
C THR A 182 -16.53 6.24 -11.32
N GLU A 183 -17.05 6.99 -12.27
CA GLU A 183 -16.22 7.91 -13.05
CA GLU A 183 -16.17 7.86 -13.04
C GLU A 183 -15.58 8.99 -12.20
N VAL A 184 -16.29 9.44 -11.17
CA VAL A 184 -15.68 10.41 -10.25
C VAL A 184 -14.47 9.81 -9.52
N GLU A 185 -14.59 8.58 -9.03
CA GLU A 185 -13.47 7.89 -8.40
C GLU A 185 -12.33 7.68 -9.40
N MET A 186 -12.69 7.24 -10.62
CA MET A 186 -11.65 7.04 -11.64
C MET A 186 -10.93 8.34 -11.97
N ASP A 187 -11.64 9.46 -12.02
CA ASP A 187 -10.96 10.73 -12.26
C ASP A 187 -10.00 11.11 -11.14
N HIS A 188 -10.33 10.80 -9.89
CA HIS A 188 -9.36 11.01 -8.79
C HIS A 188 -8.10 10.16 -8.98
N TYR A 189 -8.27 8.91 -9.42
CA TYR A 189 -7.12 8.05 -9.66
C TYR A 189 -6.33 8.45 -10.91
N ARG A 190 -7.03 8.97 -11.93
CA ARG A 190 -6.39 9.37 -13.18
C ARG A 190 -5.54 10.64 -13.00
N GLU A 191 -5.95 11.51 -12.10
CA GLU A 191 -5.40 12.86 -12.07
C GLU A 191 -3.85 12.94 -12.00
N PRO A 192 -3.19 12.15 -11.14
CA PRO A 192 -1.72 12.23 -11.09
C PRO A 192 -1.04 11.85 -12.38
N PHE A 193 -1.72 11.11 -13.26
CA PHE A 193 -1.09 10.45 -14.39
C PHE A 193 -1.65 10.92 -15.72
N LEU A 194 -2.24 12.12 -15.72
CA LEU A 194 -2.77 12.69 -16.96
C LEU A 194 -1.74 12.82 -18.06
N LYS A 195 -0.50 13.11 -17.68
CA LYS A 195 0.64 13.15 -18.63
C LYS A 195 1.27 11.75 -18.71
N PRO A 196 1.21 11.10 -19.89
CA PRO A 196 1.75 9.73 -19.97
C PRO A 196 3.17 9.54 -19.42
N VAL A 197 4.07 10.49 -19.64
CA VAL A 197 5.44 10.30 -19.18
CA VAL A 197 5.46 10.35 -19.15
C VAL A 197 5.51 10.13 -17.65
N ASP A 198 4.52 10.66 -16.91
CA ASP A 198 4.54 10.57 -15.46
C ASP A 198 4.12 9.19 -14.96
N ARG A 199 3.87 8.23 -15.88
CA ARG A 199 3.45 6.90 -15.49
C ARG A 199 4.60 5.93 -15.20
N GLU A 200 5.85 6.41 -15.21
CA GLU A 200 6.97 5.54 -14.92
C GLU A 200 6.82 4.64 -13.67
N PRO A 201 6.41 5.19 -12.51
CA PRO A 201 6.31 4.29 -11.35
C PRO A 201 5.33 3.16 -11.54
N LEU A 202 4.30 3.39 -12.35
CA LEU A 202 3.25 2.39 -12.56
C LEU A 202 3.78 1.19 -13.33
N TRP A 203 4.80 1.41 -14.16
CA TRP A 203 5.49 0.33 -14.88
C TRP A 203 6.63 -0.27 -14.05
N ARG A 204 7.37 0.56 -13.33
CA ARG A 204 8.46 -0.02 -12.58
C ARG A 204 7.95 -0.92 -11.46
N PHE A 205 6.83 -0.55 -10.83
CA PHE A 205 6.35 -1.37 -9.72
C PHE A 205 6.10 -2.85 -10.08
N PRO A 206 5.33 -3.16 -11.15
CA PRO A 206 5.13 -4.59 -11.45
C PRO A 206 6.43 -5.27 -11.85
N ASN A 207 7.39 -4.53 -12.39
CA ASN A 207 8.70 -5.05 -12.69
C ASN A 207 9.54 -5.34 -11.46
N GLU A 208 9.19 -4.75 -10.31
CA GLU A 208 9.88 -4.98 -9.04
C GLU A 208 9.20 -6.10 -8.24
N LEU A 209 8.01 -6.56 -8.64
CA LEU A 209 7.33 -7.57 -7.81
C LEU A 209 8.20 -8.82 -7.71
N PRO A 210 8.27 -9.44 -6.51
CA PRO A 210 9.14 -10.61 -6.31
C PRO A 210 8.50 -11.89 -6.83
N ILE A 211 8.51 -12.07 -8.15
CA ILE A 211 7.83 -13.20 -8.78
C ILE A 211 8.90 -14.04 -9.48
N ALA A 212 8.84 -15.37 -9.26
CA ALA A 212 9.71 -16.31 -9.99
C ALA A 212 11.18 -15.91 -9.84
N GLY A 213 11.56 -15.46 -8.64
CA GLY A 213 12.95 -15.19 -8.30
C GLY A 213 13.51 -13.86 -8.80
N GLU A 214 12.69 -13.03 -9.46
CA GLU A 214 13.14 -11.83 -10.14
C GLU A 214 12.27 -10.65 -9.77
N PRO A 215 12.87 -9.48 -9.47
CA PRO A 215 14.33 -9.23 -9.38
C PRO A 215 14.89 -9.77 -8.07
N ALA A 216 16.13 -10.25 -8.13
CA ALA A 216 16.71 -10.92 -6.99
C ALA A 216 16.82 -10.03 -5.73
N ASN A 217 17.11 -8.75 -5.91
CA ASN A 217 17.26 -7.89 -4.73
C ASN A 217 15.93 -7.77 -3.99
N ILE A 218 14.82 -7.65 -4.73
CA ILE A 218 13.51 -7.52 -4.10
C ILE A 218 13.12 -8.84 -3.44
N VAL A 219 13.36 -9.97 -4.12
CA VAL A 219 13.04 -11.25 -3.51
C VAL A 219 13.74 -11.41 -2.18
N ALA A 220 15.03 -11.06 -2.14
CA ALA A 220 15.79 -11.20 -0.89
C ALA A 220 15.27 -10.27 0.20
N LEU A 221 14.94 -9.02 -0.15
CA LEU A 221 14.44 -8.03 0.80
CA LEU A 221 14.49 -8.11 0.91
C LEU A 221 13.09 -8.45 1.40
N VAL A 222 12.22 -8.92 0.51
CA VAL A 222 10.87 -9.33 0.91
C VAL A 222 10.95 -10.62 1.73
N GLU A 223 11.81 -11.56 1.34
CA GLU A 223 12.04 -12.75 2.19
C GLU A 223 12.50 -12.32 3.59
N ALA A 224 13.38 -11.32 3.65
CA ALA A 224 13.89 -10.85 4.95
C ALA A 224 12.78 -10.25 5.84
N TYR A 225 11.92 -9.40 5.26
CA TYR A 225 10.87 -8.86 6.11
C TYR A 225 9.80 -9.88 6.46
N MET A 226 9.59 -10.88 5.61
CA MET A 226 8.62 -11.91 5.94
C MET A 226 9.17 -12.82 7.03
N ASN A 227 10.48 -13.08 7.04
CA ASN A 227 11.09 -13.83 8.13
C ASN A 227 10.92 -13.07 9.45
N TRP A 228 11.16 -11.74 9.39
CA TRP A 228 10.94 -10.90 10.55
C TRP A 228 9.51 -10.94 11.03
N LEU A 229 8.57 -10.81 10.09
CA LEU A 229 7.15 -10.75 10.44
C LEU A 229 6.69 -12.06 11.11
N HIS A 230 7.15 -13.21 10.57
CA HIS A 230 6.80 -14.51 11.13
C HIS A 230 7.29 -14.72 12.56
N GLN A 231 8.33 -14.01 12.97
CA GLN A 231 8.89 -14.19 14.29
C GLN A 231 8.57 -13.03 15.21
N SER A 232 7.95 -11.97 14.71
CA SER A 232 7.71 -10.80 15.55
C SER A 232 6.43 -10.94 16.36
N PRO A 233 6.46 -10.55 17.65
CA PRO A 233 5.24 -10.54 18.45
C PRO A 233 4.33 -9.33 18.24
N VAL A 234 4.67 -8.45 17.30
CA VAL A 234 3.89 -7.24 17.13
C VAL A 234 2.43 -7.58 16.80
N PRO A 235 1.47 -6.86 17.40
CA PRO A 235 0.08 -7.12 17.00
C PRO A 235 -0.17 -6.89 15.51
N LYS A 236 -0.87 -7.83 14.89
CA LYS A 236 -1.17 -7.77 13.46
C LYS A 236 -2.67 -7.93 13.24
N LEU A 237 -3.20 -7.20 12.25
CA LEU A 237 -4.59 -7.24 11.85
C LEU A 237 -4.59 -7.41 10.35
N LEU A 238 -5.09 -8.55 9.87
CA LEU A 238 -5.06 -8.88 8.46
C LEU A 238 -6.45 -8.96 7.88
N PHE A 239 -6.74 -8.06 6.95
CA PHE A 239 -8.02 -8.07 6.25
C PHE A 239 -7.90 -8.88 4.99
N TRP A 240 -8.92 -9.66 4.65
CA TRP A 240 -8.88 -10.45 3.42
C TRP A 240 -10.26 -10.48 2.79
N GLY A 241 -10.31 -10.74 1.49
CA GLY A 241 -11.56 -10.85 0.76
C GLY A 241 -11.63 -12.13 -0.04
N THR A 242 -12.79 -12.37 -0.62
CA THR A 242 -13.01 -13.54 -1.48
C THR A 242 -13.35 -12.99 -2.87
N PRO A 243 -12.62 -13.44 -3.92
CA PRO A 243 -11.54 -14.44 -3.91
C PRO A 243 -10.16 -13.89 -3.55
N GLY A 244 -10.04 -12.57 -3.32
CA GLY A 244 -8.72 -11.96 -3.12
C GLY A 244 -7.89 -12.04 -4.38
N VAL A 245 -6.66 -11.56 -4.29
CA VAL A 245 -5.73 -11.59 -5.40
C VAL A 245 -4.41 -12.11 -4.86
N LEU A 246 -3.64 -11.26 -4.17
CA LEU A 246 -2.36 -11.68 -3.59
C LEU A 246 -2.52 -12.63 -2.40
N ILE A 247 -3.63 -12.47 -1.64
CA ILE A 247 -3.85 -13.26 -0.41
C ILE A 247 -5.23 -13.91 -0.48
N PRO A 248 -5.33 -15.07 -1.14
CA PRO A 248 -6.63 -15.75 -1.21
C PRO A 248 -7.07 -16.25 0.16
N PRO A 249 -8.39 -16.56 0.31
CA PRO A 249 -8.92 -16.98 1.60
C PRO A 249 -8.10 -18.07 2.33
N ALA A 250 -7.67 -19.10 1.62
CA ALA A 250 -6.94 -20.18 2.29
C ALA A 250 -5.56 -19.71 2.75
N GLU A 251 -4.98 -18.76 2.03
CA GLU A 251 -3.70 -18.20 2.47
C GLU A 251 -3.87 -17.26 3.66
N ALA A 252 -4.97 -16.51 3.72
CA ALA A 252 -5.27 -15.70 4.89
C ALA A 252 -5.42 -16.59 6.12
N ALA A 253 -6.13 -17.72 5.98
CA ALA A 253 -6.30 -18.64 7.07
C ALA A 253 -4.97 -19.23 7.55
N ARG A 254 -4.07 -19.50 6.61
CA ARG A 254 -2.75 -20.00 6.95
C ARG A 254 -1.97 -18.94 7.73
N LEU A 255 -2.07 -17.69 7.29
CA LEU A 255 -1.38 -16.59 7.96
C LEU A 255 -1.95 -16.35 9.38
N ALA A 256 -3.25 -16.57 9.59
CA ALA A 256 -3.81 -16.45 10.93
C ALA A 256 -3.10 -17.38 11.90
N GLU A 257 -2.67 -18.52 11.38
CA GLU A 257 -1.98 -19.52 12.20
CA GLU A 257 -2.03 -19.51 12.22
C GLU A 257 -0.51 -19.32 12.30
N SER A 258 0.10 -18.81 11.22
N SER A 258 0.09 -18.88 11.19
CA SER A 258 1.55 -18.74 11.10
CA SER A 258 1.53 -18.79 11.15
C SER A 258 2.20 -17.38 11.41
C SER A 258 2.06 -17.52 11.82
N LEU A 259 1.37 -16.39 11.64
CA LEU A 259 1.85 -15.09 12.14
C LEU A 259 1.47 -14.92 13.60
N PRO A 260 2.46 -14.56 14.46
CA PRO A 260 2.09 -14.34 15.87
C PRO A 260 1.14 -13.18 16.10
N ASN A 261 0.25 -13.33 17.07
CA ASN A 261 -0.64 -12.23 17.51
C ASN A 261 -1.37 -11.57 16.37
N CYS A 262 -1.99 -12.41 15.56
CA CYS A 262 -2.63 -11.96 14.35
C CYS A 262 -4.12 -12.20 14.45
N LYS A 263 -4.89 -11.18 14.16
CA LYS A 263 -6.33 -11.28 14.03
C LYS A 263 -6.68 -11.10 12.57
N THR A 264 -7.49 -11.98 12.00
CA THR A 264 -7.92 -11.85 10.61
C THR A 264 -9.35 -11.35 10.57
N VAL A 265 -9.67 -10.57 9.55
CA VAL A 265 -11.00 -10.03 9.36
C VAL A 265 -11.42 -10.27 7.92
N ASP A 266 -12.51 -11.03 7.77
CA ASP A 266 -13.17 -11.30 6.50
C ASP A 266 -13.99 -10.07 6.10
N ILE A 267 -13.63 -9.45 4.99
CA ILE A 267 -14.39 -8.27 4.55
C ILE A 267 -15.50 -8.57 3.56
N GLY A 268 -15.68 -9.85 3.24
CA GLY A 268 -16.65 -10.23 2.19
C GLY A 268 -16.02 -10.20 0.80
N PRO A 269 -16.83 -9.87 -0.23
CA PRO A 269 -16.28 -9.81 -1.58
C PRO A 269 -15.10 -8.86 -1.69
N GLY A 270 -14.04 -9.30 -2.36
CA GLY A 270 -12.91 -8.42 -2.58
C GLY A 270 -11.90 -9.10 -3.49
N LEU A 271 -11.14 -8.26 -4.19
CA LEU A 271 -10.09 -8.71 -5.08
C LEU A 271 -8.77 -8.16 -4.51
N HIS A 272 -8.27 -7.05 -5.05
CA HIS A 272 -7.02 -6.48 -4.55
C HIS A 272 -7.21 -5.20 -3.76
N TYR A 273 -7.97 -4.24 -4.30
CA TYR A 273 -8.17 -2.94 -3.64
C TYR A 273 -9.31 -3.05 -2.64
N LEU A 274 -9.09 -3.79 -1.56
CA LEU A 274 -10.17 -4.12 -0.62
C LEU A 274 -10.81 -2.88 -0.03
N GLN A 275 -10.02 -1.83 0.08
CA GLN A 275 -10.49 -0.53 0.59
C GLN A 275 -11.66 0.04 -0.20
N GLU A 276 -11.76 -0.34 -1.47
CA GLU A 276 -12.83 0.16 -2.33
C GLU A 276 -14.10 -0.68 -2.23
N ASP A 277 -13.99 -1.91 -1.72
CA ASP A 277 -15.16 -2.78 -1.53
C ASP A 277 -15.79 -2.67 -0.15
N ASN A 278 -14.97 -2.55 0.90
CA ASN A 278 -15.53 -2.47 2.25
C ASN A 278 -14.72 -1.54 3.15
N PRO A 279 -14.66 -0.25 2.82
CA PRO A 279 -13.87 0.67 3.66
C PRO A 279 -14.42 0.78 5.08
N ASP A 280 -15.74 0.69 5.27
CA ASP A 280 -16.24 0.92 6.61
C ASP A 280 -15.85 -0.16 7.59
N LEU A 281 -15.83 -1.42 7.16
CA LEU A 281 -15.41 -2.50 8.06
C LEU A 281 -13.89 -2.40 8.32
N ILE A 282 -13.13 -2.09 7.26
CA ILE A 282 -11.67 -1.93 7.45
C ILE A 282 -11.41 -0.81 8.45
N GLY A 283 -12.04 0.35 8.27
CA GLY A 283 -11.83 1.46 9.21
C GLY A 283 -12.33 1.16 10.60
N SER A 284 -13.53 0.62 10.73
CA SER A 284 -14.06 0.38 12.07
CA SER A 284 -14.10 0.34 12.05
C SER A 284 -13.26 -0.69 12.83
N GLU A 285 -12.77 -1.70 12.13
CA GLU A 285 -11.99 -2.74 12.77
CA GLU A 285 -11.99 -2.73 12.79
C GLU A 285 -10.60 -2.21 13.17
N ILE A 286 -9.99 -1.37 12.32
CA ILE A 286 -8.72 -0.77 12.74
C ILE A 286 -8.99 0.06 14.00
N ALA A 287 -10.02 0.92 13.97
CA ALA A 287 -10.30 1.78 15.14
C ALA A 287 -10.51 0.98 16.42
N ARG A 288 -11.23 -0.12 16.33
CA ARG A 288 -11.51 -0.93 17.49
C ARG A 288 -10.29 -1.62 18.06
N TRP A 289 -9.31 -1.91 17.18
CA TRP A 289 -8.11 -2.67 17.53
C TRP A 289 -7.01 -1.78 18.10
N LEU A 290 -7.05 -0.48 17.84
CA LEU A 290 -5.98 0.39 18.31
C LEU A 290 -5.81 0.52 19.84
N PRO A 291 -6.89 0.59 20.66
CA PRO A 291 -6.64 0.91 22.09
C PRO A 291 -5.71 -0.06 22.81
N ALA A 292 -5.85 -1.36 22.55
CA ALA A 292 -5.07 -2.34 23.30
C ALA A 292 -3.59 -2.31 22.91
N LEU A 293 -3.25 -1.57 21.86
CA LEU A 293 -1.82 -1.46 21.43
C LEU A 293 -1.07 -0.45 22.26
N HIS A 294 -1.79 0.40 22.98
CA HIS A 294 -1.13 1.53 23.62
C HIS A 294 -0.11 1.14 24.68
N HIS A 295 -0.53 0.25 25.56
CA HIS A 295 0.30 -0.04 26.71
C HIS A 295 1.59 -0.69 26.24
CL CL B . 2.59 -3.58 -9.14
C BEZ C . 1.25 -4.18 -7.90
O1 BEZ C . 2.00 -4.32 -6.92
O2 BEZ C . 1.61 -3.50 -8.90
C1 BEZ C . -0.07 -4.86 -7.93
C2 BEZ C . -1.20 -4.17 -8.39
C3 BEZ C . -2.41 -4.82 -8.47
C4 BEZ C . -2.53 -6.14 -8.01
C5 BEZ C . -1.41 -6.81 -7.53
C6 BEZ C . -0.18 -6.17 -7.50
#